data_5DTB
#
_entry.id   5DTB
#
_cell.length_a   87.704
_cell.length_b   87.704
_cell.length_c   183.341
_cell.angle_alpha   90.00
_cell.angle_beta   90.00
_cell.angle_gamma   90.00
#
_symmetry.space_group_name_H-M   'P 43 21 2'
#
loop_
_entity.id
_entity.type
_entity.pdbx_description
1 polymer CG3822
2 non-polymer 'GLUTAMIC ACID'
3 non-polymer GLYCEROL
4 non-polymer 'SODIUM ION'
5 water water
#
_entity_poly.entity_id   1
_entity_poly.type   'polypeptide(L)'
_entity_poly.pdbx_seq_one_letter_code
;SANLKNKTLVVTTILSNPYCMRKESAIPLSGNDQFEGYAVDLIHEISKSLGFNYKIQLVPDGSYGSLNKLTGEWNGMIRE
LLEQRADLAIADLTITFEREQAVDFTTPFMNLGVSILYRKGTPIESAEDLAKQTRIKYGALKGGSTAAFFRDSKISTYQR
MWSFMESARPSVFTASNGEGVERVAKGKGSYAFLMESTSIEYVTERNCELTQVGGMLDTKSYGIATPPNSPYRTAINSVI
LKLQEEGKLHILKTKWWKEKRGGGKCR
;
_entity_poly.pdbx_strand_id   A,B
#
# COMPACT_ATOMS: atom_id res chain seq x y z
N LYS A 5 -12.38 6.51 -26.31
N LYS A 5 -12.18 6.72 -26.96
CA LYS A 5 -11.20 5.68 -26.50
CA LYS A 5 -11.24 5.70 -26.55
C LYS A 5 -11.62 4.30 -27.05
C LYS A 5 -11.64 4.31 -27.07
N ASN A 6 -11.07 3.83 -28.17
CA ASN A 6 -10.14 4.56 -29.07
C ASN A 6 -8.83 5.10 -28.48
N LYS A 7 -8.14 5.94 -29.26
CA LYS A 7 -6.99 6.71 -28.81
C LYS A 7 -5.77 5.83 -28.61
N THR A 8 -4.57 6.40 -28.84
CA THR A 8 -3.30 5.72 -28.68
C THR A 8 -2.46 6.51 -27.67
N LEU A 9 -2.08 5.86 -26.58
CA LEU A 9 -1.26 6.47 -25.55
C LEU A 9 0.18 5.98 -25.66
N VAL A 10 1.12 6.87 -25.34
CA VAL A 10 2.51 6.47 -25.20
C VAL A 10 2.75 6.13 -23.74
N VAL A 11 3.29 4.95 -23.49
CA VAL A 11 3.62 4.49 -22.14
C VAL A 11 5.13 4.47 -22.01
N THR A 12 5.66 5.25 -21.09
CA THR A 12 7.08 5.22 -20.82
C THR A 12 7.32 4.20 -19.71
N THR A 13 8.40 3.44 -19.83
CA THR A 13 8.76 2.46 -18.80
C THR A 13 10.28 2.28 -18.85
N ILE A 14 10.77 1.32 -18.07
CA ILE A 14 12.20 1.14 -17.90
C ILE A 14 12.45 -0.35 -17.68
N LEU A 15 13.58 -0.82 -18.19
CA LEU A 15 13.95 -2.22 -18.00
C LEU A 15 14.32 -2.48 -16.54
N SER A 16 13.55 -3.34 -15.88
CA SER A 16 13.75 -3.65 -14.47
C SER A 16 13.01 -4.95 -14.24
N ASN A 17 13.73 -5.96 -13.77
CA ASN A 17 13.13 -7.29 -13.58
C ASN A 17 12.22 -7.29 -12.35
N PRO A 18 11.00 -7.81 -12.50
CA PRO A 18 10.27 -8.40 -13.61
C PRO A 18 9.21 -7.46 -14.17
N TYR A 19 9.34 -6.18 -13.86
CA TYR A 19 8.33 -5.19 -14.25
C TYR A 19 8.27 -5.03 -15.75
N CYS A 20 9.42 -4.84 -16.37
CA CYS A 20 9.51 -4.71 -17.82
C CYS A 20 10.83 -5.32 -18.24
N MET A 21 10.74 -6.38 -19.06
CA MET A 21 11.88 -7.16 -19.51
C MET A 21 11.78 -7.37 -21.02
N ARG A 22 12.94 -7.41 -21.68
CA ARG A 22 12.96 -7.86 -23.07
C ARG A 22 12.69 -9.36 -23.10
N LYS A 23 11.75 -9.76 -23.95
CA LYS A 23 11.50 -11.17 -24.15
C LYS A 23 12.76 -11.82 -24.67
N GLU A 24 12.94 -13.07 -24.28
N GLU A 24 12.93 -13.09 -24.32
CA GLU A 24 13.98 -13.91 -24.83
CA GLU A 24 14.04 -13.89 -24.81
C GLU A 24 13.52 -14.37 -26.20
C GLU A 24 13.64 -14.49 -26.16
N SER A 25 14.28 -14.05 -27.24
CA SER A 25 13.86 -14.44 -28.59
C SER A 25 15.05 -14.57 -29.53
N ALA A 26 15.06 -15.64 -30.31
CA ALA A 26 16.10 -15.81 -31.33
C ALA A 26 15.94 -14.78 -32.44
N ILE A 27 14.74 -14.32 -32.68
CA ILE A 27 14.42 -13.40 -33.77
C ILE A 27 14.24 -12.01 -33.18
N PRO A 28 14.82 -10.96 -33.77
CA PRO A 28 14.60 -9.61 -33.25
C PRO A 28 13.12 -9.25 -33.26
N LEU A 29 12.64 -8.76 -32.13
CA LEU A 29 11.28 -8.29 -31.97
C LEU A 29 11.21 -6.75 -32.04
N SER A 30 10.02 -6.25 -32.37
N SER A 30 10.02 -6.26 -32.35
CA SER A 30 9.80 -4.82 -32.56
CA SER A 30 9.79 -4.84 -32.57
C SER A 30 8.51 -4.41 -31.87
C SER A 30 8.51 -4.41 -31.85
N GLY A 31 8.37 -3.10 -31.64
CA GLY A 31 7.13 -2.61 -31.04
C GLY A 31 6.95 -3.17 -29.63
N ASN A 32 5.68 -3.14 -29.17
CA ASN A 32 5.35 -3.66 -27.84
C ASN A 32 5.71 -5.12 -27.70
N ASP A 33 5.77 -5.86 -28.81
N ASP A 33 5.77 -5.88 -28.80
CA ASP A 33 6.00 -7.30 -28.79
CA ASP A 33 5.98 -7.31 -28.72
C ASP A 33 7.33 -7.67 -28.17
C ASP A 33 7.34 -7.67 -28.15
N GLN A 34 8.30 -6.75 -28.15
CA GLN A 34 9.60 -7.12 -27.60
C GLN A 34 9.62 -7.14 -26.08
N PHE A 35 8.58 -6.64 -25.42
CA PHE A 35 8.59 -6.53 -23.96
C PHE A 35 7.62 -7.49 -23.28
N GLU A 36 7.95 -7.85 -22.04
CA GLU A 36 7.04 -8.59 -21.18
C GLU A 36 7.32 -8.26 -19.72
N GLY A 37 6.36 -8.61 -18.86
CA GLY A 37 6.54 -8.47 -17.45
C GLY A 37 5.29 -7.96 -16.75
N TYR A 38 5.42 -7.69 -15.46
CA TYR A 38 4.27 -7.29 -14.66
C TYR A 38 3.66 -6.00 -15.18
N ALA A 39 4.50 -4.99 -15.46
CA ALA A 39 3.99 -3.70 -15.93
C ALA A 39 3.38 -3.82 -17.33
N VAL A 40 3.93 -4.69 -18.18
CA VAL A 40 3.39 -4.91 -19.51
C VAL A 40 2.02 -5.55 -19.42
N ASP A 41 1.89 -6.57 -18.57
CA ASP A 41 0.61 -7.20 -18.32
C ASP A 41 -0.36 -6.21 -17.72
N LEU A 42 0.12 -5.34 -16.81
CA LEU A 42 -0.77 -4.39 -16.19
C LEU A 42 -1.34 -3.42 -17.22
N ILE A 43 -0.49 -2.89 -18.09
CA ILE A 43 -1.00 -1.94 -19.07
C ILE A 43 -1.93 -2.66 -20.03
N HIS A 44 -1.65 -3.92 -20.35
CA HIS A 44 -2.56 -4.67 -21.20
C HIS A 44 -3.96 -4.71 -20.59
N GLU A 45 -4.03 -5.06 -19.29
CA GLU A 45 -5.33 -5.14 -18.63
C GLU A 45 -6.03 -3.80 -18.63
N ILE A 46 -5.28 -2.73 -18.34
CA ILE A 46 -5.89 -1.41 -18.29
C ILE A 46 -6.43 -1.04 -19.68
N SER A 47 -5.64 -1.27 -20.73
CA SER A 47 -6.08 -0.93 -22.09
C SER A 47 -7.31 -1.73 -22.50
N LYS A 48 -7.38 -3.00 -22.10
CA LYS A 48 -8.58 -3.80 -22.36
C LYS A 48 -9.81 -3.16 -21.74
N SER A 49 -9.72 -2.76 -20.46
N SER A 49 -9.71 -2.74 -20.47
CA SER A 49 -10.86 -2.21 -19.75
CA SER A 49 -10.88 -2.22 -19.77
C SER A 49 -11.30 -0.88 -20.34
C SER A 49 -11.31 -0.87 -20.33
N LEU A 50 -10.36 -0.01 -20.67
CA LEU A 50 -10.67 1.35 -21.09
C LEU A 50 -10.71 1.52 -22.61
N GLY A 51 -10.22 0.53 -23.35
CA GLY A 51 -10.40 0.46 -24.79
C GLY A 51 -9.44 1.28 -25.62
N PHE A 52 -8.25 1.56 -25.11
CA PHE A 52 -7.28 2.36 -25.86
C PHE A 52 -6.14 1.48 -26.35
N ASN A 53 -5.41 2.00 -27.34
CA ASN A 53 -4.18 1.40 -27.80
C ASN A 53 -2.99 2.14 -27.19
N TYR A 54 -1.83 1.50 -27.23
CA TYR A 54 -0.68 2.10 -26.58
C TYR A 54 0.60 1.64 -27.26
N LYS A 55 1.63 2.45 -27.10
CA LYS A 55 2.99 2.18 -27.56
C LYS A 55 3.93 2.27 -26.37
N ILE A 56 4.59 1.16 -26.07
CA ILE A 56 5.59 1.13 -25.00
C ILE A 56 6.88 1.72 -25.55
N GLN A 57 7.44 2.70 -24.84
CA GLN A 57 8.74 3.28 -25.19
C GLN A 57 9.63 3.31 -23.96
N LEU A 58 10.73 2.58 -23.99
CA LEU A 58 11.71 2.69 -22.92
C LEU A 58 12.20 4.12 -22.79
N VAL A 59 12.29 4.58 -21.53
CA VAL A 59 12.75 5.94 -21.31
C VAL A 59 14.15 6.08 -21.89
N PRO A 60 14.40 7.08 -22.75
CA PRO A 60 15.70 7.08 -23.44
C PRO A 60 16.91 7.20 -22.53
N ASP A 61 16.86 8.00 -21.47
CA ASP A 61 18.04 8.11 -20.61
C ASP A 61 18.11 7.02 -19.54
N GLY A 62 17.24 6.01 -19.62
CA GLY A 62 17.30 4.88 -18.71
C GLY A 62 17.21 5.25 -17.24
N SER A 63 16.49 6.33 -16.90
CA SER A 63 16.39 6.80 -15.52
C SER A 63 14.94 6.83 -15.05
N TYR A 64 14.75 6.62 -13.74
CA TYR A 64 13.40 6.65 -13.18
C TYR A 64 12.83 8.05 -13.17
N GLY A 65 13.64 9.02 -12.74
CA GLY A 65 13.26 10.43 -12.68
C GLY A 65 13.76 11.06 -11.40
N SER A 66 14.78 11.88 -11.50
CA SER A 66 15.27 12.67 -10.38
C SER A 66 15.27 14.13 -10.73
N LEU A 67 15.16 14.94 -9.69
CA LEU A 67 15.12 16.39 -9.83
C LEU A 67 16.49 16.99 -9.56
N ASN A 68 17.08 17.63 -10.56
CA ASN A 68 18.26 18.46 -10.31
C ASN A 68 17.80 19.73 -9.59
N LYS A 69 18.13 19.85 -8.30
CA LYS A 69 17.46 20.85 -7.46
C LYS A 69 17.80 22.27 -7.87
N LEU A 70 19.08 22.57 -8.07
CA LEU A 70 19.46 23.92 -8.44
C LEU A 70 19.16 24.23 -9.90
N THR A 71 19.10 23.21 -10.75
CA THR A 71 18.70 23.41 -12.14
C THR A 71 17.19 23.36 -12.32
N GLY A 72 16.49 22.62 -11.45
CA GLY A 72 15.04 22.48 -11.53
C GLY A 72 14.55 21.52 -12.60
N GLU A 73 15.47 20.91 -13.36
CA GLU A 73 15.11 19.99 -14.44
C GLU A 73 14.95 18.58 -13.88
N TRP A 74 13.91 17.90 -14.33
CA TRP A 74 13.74 16.48 -14.09
C TRP A 74 14.42 15.72 -15.22
N ASN A 75 14.69 14.45 -14.99
CA ASN A 75 15.07 13.53 -16.07
C ASN A 75 14.15 12.32 -16.04
N GLY A 76 14.50 11.26 -16.77
CA GLY A 76 13.84 9.99 -16.63
C GLY A 76 12.40 10.02 -17.11
N MET A 77 11.64 9.04 -16.60
CA MET A 77 10.23 8.91 -16.98
C MET A 77 9.45 10.15 -16.58
N ILE A 78 9.82 10.79 -15.46
CA ILE A 78 9.11 11.99 -15.02
C ILE A 78 9.22 13.08 -16.08
N ARG A 79 10.43 13.28 -16.62
CA ARG A 79 10.59 14.30 -17.68
C ARG A 79 9.79 13.96 -18.93
N GLU A 80 9.69 12.66 -19.29
CA GLU A 80 8.89 12.31 -20.47
C GLU A 80 7.45 12.71 -20.28
N LEU A 81 6.93 12.57 -19.06
CA LEU A 81 5.57 13.01 -18.77
C LEU A 81 5.46 14.52 -18.79
N LEU A 82 6.41 15.21 -18.17
CA LEU A 82 6.31 16.68 -18.09
C LEU A 82 6.36 17.29 -19.47
N GLU A 83 7.16 16.71 -20.36
CA GLU A 83 7.26 17.20 -21.74
C GLU A 83 6.18 16.64 -22.64
N GLN A 84 5.22 15.91 -22.08
CA GLN A 84 4.11 15.34 -22.85
C GLN A 84 4.61 14.52 -24.03
N ARG A 85 5.71 13.81 -23.84
CA ARG A 85 6.15 12.76 -24.77
C ARG A 85 5.68 11.38 -24.35
N ALA A 86 5.12 11.26 -23.15
CA ALA A 86 4.46 10.04 -22.72
C ALA A 86 3.18 10.43 -22.00
N ASP A 87 2.18 9.57 -22.12
CA ASP A 87 0.90 9.79 -21.44
C ASP A 87 0.85 9.12 -20.08
N LEU A 88 1.55 8.00 -19.92
CA LEU A 88 1.59 7.22 -18.68
C LEU A 88 3.00 6.70 -18.45
N ALA A 89 3.43 6.67 -17.20
CA ALA A 89 4.63 5.98 -16.80
C ALA A 89 4.21 4.78 -15.96
N ILE A 90 4.56 3.59 -16.43
CA ILE A 90 4.11 2.36 -15.79
C ILE A 90 5.36 1.51 -15.58
N ALA A 91 5.79 1.40 -14.33
CA ALA A 91 7.08 0.81 -14.00
C ALA A 91 7.12 0.60 -12.50
N ASP A 92 8.27 0.14 -12.02
CA ASP A 92 8.58 0.15 -10.58
C ASP A 92 9.01 1.56 -10.21
N LEU A 93 8.02 2.47 -10.33
CA LEU A 93 8.20 3.90 -10.10
C LEU A 93 7.56 4.27 -8.77
N THR A 94 8.40 4.70 -7.84
CA THR A 94 7.94 5.04 -6.50
C THR A 94 7.16 6.33 -6.48
N ILE A 95 6.03 6.30 -5.79
CA ILE A 95 5.28 7.52 -5.50
C ILE A 95 6.03 8.26 -4.41
N THR A 96 6.68 9.38 -4.76
CA THR A 96 7.37 10.20 -3.79
C THR A 96 6.72 11.58 -3.66
N PHE A 97 6.88 12.18 -2.48
CA PHE A 97 6.40 13.55 -2.32
C PHE A 97 6.99 14.48 -3.39
N GLU A 98 8.27 14.34 -3.64
CA GLU A 98 8.93 15.24 -4.60
C GLU A 98 8.35 15.08 -5.99
N ARG A 99 8.16 13.83 -6.44
CA ARG A 99 7.56 13.63 -7.76
C ARG A 99 6.11 14.12 -7.80
N GLU A 100 5.38 13.93 -6.71
CA GLU A 100 3.98 14.37 -6.65
C GLU A 100 3.83 15.87 -6.82
N GLN A 101 4.88 16.65 -6.52
CA GLN A 101 4.84 18.10 -6.75
C GLN A 101 4.86 18.44 -8.23
N ALA A 102 5.23 17.49 -9.08
CA ALA A 102 5.41 17.75 -10.51
C ALA A 102 4.45 17.01 -11.41
N VAL A 103 4.15 15.75 -11.10
CA VAL A 103 3.29 14.90 -11.89
C VAL A 103 2.18 14.36 -10.99
N ASP A 104 1.19 13.71 -11.60
CA ASP A 104 0.12 13.09 -10.83
C ASP A 104 0.34 11.57 -10.74
N PHE A 105 -0.20 10.95 -9.69
CA PHE A 105 -0.11 9.51 -9.55
C PHE A 105 -1.48 8.89 -9.36
N THR A 106 -1.65 7.65 -9.84
CA THR A 106 -2.79 6.86 -9.44
C THR A 106 -2.61 6.37 -8.00
N THR A 107 -3.68 5.77 -7.47
CA THR A 107 -3.56 4.93 -6.30
C THR A 107 -2.53 3.83 -6.57
N PRO A 108 -1.87 3.33 -5.51
CA PRO A 108 -0.83 2.32 -5.70
C PRO A 108 -1.34 1.02 -6.30
N PHE A 109 -0.48 0.38 -7.06
CA PHE A 109 -0.71 -0.99 -7.44
C PHE A 109 0.20 -1.97 -6.73
N MET A 110 1.16 -1.49 -5.95
CA MET A 110 2.06 -2.40 -5.27
C MET A 110 2.71 -1.67 -4.11
N ASN A 111 2.92 -2.37 -3.01
CA ASN A 111 3.56 -1.79 -1.85
C ASN A 111 4.92 -2.42 -1.65
N LEU A 112 5.84 -1.68 -1.02
CA LEU A 112 7.21 -2.15 -0.87
C LEU A 112 7.94 -1.31 0.20
N GLY A 113 9.21 -1.66 0.44
CA GLY A 113 10.09 -0.88 1.30
C GLY A 113 11.53 -1.13 0.94
N VAL A 114 12.39 -0.20 1.32
CA VAL A 114 13.83 -0.39 1.11
C VAL A 114 14.29 -1.55 1.96
N SER A 115 15.14 -2.40 1.40
CA SER A 115 15.79 -3.41 2.23
C SER A 115 17.19 -3.66 1.67
N ILE A 116 17.79 -4.78 2.06
CA ILE A 116 19.18 -5.11 1.72
C ILE A 116 19.24 -6.44 0.98
N LEU A 117 19.97 -6.44 -0.14
CA LEU A 117 20.33 -7.64 -0.88
C LEU A 117 21.79 -7.98 -0.58
N TYR A 118 22.03 -9.21 -0.14
CA TYR A 118 23.38 -9.64 0.19
C TYR A 118 23.44 -11.15 0.01
N ARG A 119 24.60 -11.71 0.23
CA ARG A 119 24.69 -13.16 0.13
C ARG A 119 24.08 -13.81 1.37
N LYS A 120 23.63 -15.04 1.19
CA LYS A 120 22.99 -15.81 2.23
C LYS A 120 24.04 -16.36 3.18
N GLY A 121 23.67 -16.51 4.44
CA GLY A 121 24.47 -17.29 5.36
C GLY A 121 25.59 -16.55 6.08
N THR A 122 25.56 -15.24 6.11
CA THR A 122 26.60 -14.47 6.76
C THR A 122 26.11 -13.93 8.08
N PRO A 123 27.01 -13.32 8.86
CA PRO A 123 26.58 -12.71 10.12
C PRO A 123 25.98 -11.33 9.97
N ILE A 124 25.84 -10.82 8.75
CA ILE A 124 25.21 -9.51 8.56
C ILE A 124 23.72 -9.70 8.67
N GLU A 125 23.10 -9.05 9.66
CA GLU A 125 21.69 -9.24 9.93
C GLU A 125 20.85 -7.99 9.74
N SER A 126 21.47 -6.83 9.54
CA SER A 126 20.73 -5.58 9.58
C SER A 126 21.57 -4.48 8.96
N ALA A 127 20.89 -3.38 8.66
CA ALA A 127 21.56 -2.17 8.21
C ALA A 127 22.60 -1.70 9.22
N GLU A 128 22.29 -1.81 10.50
CA GLU A 128 23.26 -1.39 11.50
C GLU A 128 24.54 -2.19 11.37
N ASP A 129 24.42 -3.48 11.05
CA ASP A 129 25.60 -4.32 10.89
C ASP A 129 26.49 -3.82 9.76
N LEU A 130 25.90 -3.35 8.66
CA LEU A 130 26.70 -2.74 7.59
C LEU A 130 27.28 -1.39 8.00
N ALA A 131 26.48 -0.58 8.69
CA ALA A 131 26.88 0.78 8.99
C ALA A 131 28.09 0.83 9.91
N LYS A 132 28.22 -0.15 10.79
CA LYS A 132 29.28 -0.13 11.80
C LYS A 132 30.58 -0.73 11.30
N GLN A 133 30.70 -1.05 10.01
CA GLN A 133 31.94 -1.58 9.47
C GLN A 133 32.21 -0.92 8.13
N THR A 134 33.40 -1.21 7.58
CA THR A 134 33.83 -0.64 6.31
C THR A 134 34.34 -1.68 5.33
N ARG A 135 34.54 -2.91 5.79
CA ARG A 135 35.00 -4.00 4.94
C ARG A 135 34.03 -4.23 3.79
N ILE A 136 32.77 -4.48 4.13
CA ILE A 136 31.73 -4.72 3.14
C ILE A 136 31.22 -3.38 2.68
N LYS A 137 31.32 -3.12 1.39
CA LYS A 137 30.79 -1.88 0.84
C LYS A 137 29.34 -2.08 0.47
N TYR A 138 28.61 -0.98 0.34
CA TYR A 138 27.20 -1.07 0.01
C TYR A 138 26.82 0.17 -0.78
N GLY A 139 25.80 0.02 -1.62
CA GLY A 139 25.36 1.14 -2.43
C GLY A 139 23.92 1.01 -2.82
N ALA A 140 23.48 1.83 -3.77
CA ALA A 140 22.09 1.92 -4.16
C ALA A 140 22.04 2.38 -5.61
N LEU A 141 20.85 2.35 -6.19
CA LEU A 141 20.66 2.87 -7.54
C LEU A 141 20.81 4.38 -7.56
N LYS A 142 21.67 4.88 -8.43
CA LYS A 142 21.90 6.32 -8.47
C LYS A 142 20.64 7.06 -8.92
N GLY A 143 20.30 8.10 -8.16
CA GLY A 143 19.19 8.95 -8.55
C GLY A 143 17.82 8.40 -8.28
N GLY A 144 17.69 7.26 -7.61
CA GLY A 144 16.41 6.70 -7.27
C GLY A 144 15.93 7.08 -5.87
N SER A 145 14.71 6.61 -5.58
CA SER A 145 14.09 6.90 -4.30
C SER A 145 14.80 6.23 -3.13
N THR A 146 15.49 5.10 -3.35
CA THR A 146 16.24 4.48 -2.26
C THR A 146 17.39 5.38 -1.84
N ALA A 147 18.19 5.85 -2.80
CA ALA A 147 19.25 6.80 -2.49
C ALA A 147 18.73 8.04 -1.78
N ALA A 148 17.59 8.56 -2.25
CA ALA A 148 17.02 9.77 -1.64
C ALA A 148 16.62 9.51 -0.20
N PHE A 149 16.02 8.34 0.05
CA PHE A 149 15.69 7.96 1.42
C PHE A 149 16.91 8.09 2.33
N PHE A 150 18.06 7.55 1.92
CA PHE A 150 19.26 7.63 2.74
C PHE A 150 19.81 9.05 2.80
N ARG A 151 19.74 9.78 1.68
CA ARG A 151 20.28 11.13 1.67
C ARG A 151 19.51 12.06 2.61
N ASP A 152 18.20 11.87 2.69
CA ASP A 152 17.34 12.78 3.45
C ASP A 152 17.01 12.30 4.84
N SER A 153 17.56 11.16 5.25
CA SER A 153 17.25 10.59 6.55
C SER A 153 17.91 11.40 7.66
N LYS A 154 17.23 11.47 8.80
CA LYS A 154 17.81 12.02 10.02
C LYS A 154 18.10 10.94 11.05
N ILE A 155 18.05 9.68 10.66
CA ILE A 155 18.43 8.58 11.53
C ILE A 155 19.93 8.40 11.45
N SER A 156 20.60 8.37 12.60
CA SER A 156 22.07 8.34 12.61
C SER A 156 22.60 7.15 11.83
N THR A 157 21.98 5.97 11.96
CA THR A 157 22.44 4.82 11.18
C THR A 157 22.44 5.13 9.68
N TYR A 158 21.38 5.76 9.20
CA TYR A 158 21.23 5.95 7.75
C TYR A 158 22.05 7.15 7.28
N GLN A 159 22.24 8.14 8.16
CA GLN A 159 23.21 9.21 7.91
C GLN A 159 24.63 8.66 7.76
N ARG A 160 25.03 7.77 8.65
CA ARG A 160 26.34 7.13 8.54
C ARG A 160 26.48 6.39 7.22
N MET A 161 25.46 5.59 6.87
CA MET A 161 25.51 4.87 5.60
C MET A 161 25.53 5.83 4.42
N TRP A 162 24.73 6.91 4.47
CA TRP A 162 24.75 7.87 3.37
C TRP A 162 26.14 8.47 3.25
N SER A 163 26.73 8.89 4.36
CA SER A 163 28.07 9.47 4.30
C SER A 163 29.05 8.49 3.69
N PHE A 164 28.96 7.20 4.06
CA PHE A 164 29.86 6.21 3.47
C PHE A 164 29.65 6.11 1.96
N MET A 165 28.39 6.06 1.52
CA MET A 165 28.10 5.89 0.10
C MET A 165 28.54 7.10 -0.73
N GLU A 166 28.32 8.31 -0.20
CA GLU A 166 28.66 9.53 -0.95
C GLU A 166 30.17 9.63 -1.19
N SER A 167 30.98 9.20 -0.22
CA SER A 167 32.43 9.12 -0.38
C SER A 167 32.81 7.71 -0.86
N ALA A 168 33.59 7.63 -1.93
CA ALA A 168 33.83 6.30 -2.49
C ALA A 168 35.11 6.22 -3.29
N ARG A 169 35.67 5.01 -3.32
CA ARG A 169 36.77 4.70 -4.20
C ARG A 169 36.17 4.69 -5.60
N PRO A 170 35.82 3.56 -6.22
CA PRO A 170 34.83 3.65 -7.29
C PRO A 170 33.46 3.85 -6.64
N SER A 171 32.58 4.47 -7.41
CA SER A 171 31.21 4.67 -6.97
C SER A 171 30.61 3.36 -6.47
N VAL A 172 29.90 3.42 -5.35
CA VAL A 172 29.10 2.28 -4.93
C VAL A 172 27.69 2.34 -5.49
N PHE A 173 27.33 3.43 -6.20
CA PHE A 173 26.01 3.53 -6.79
C PHE A 173 25.98 2.80 -8.14
N THR A 174 24.77 2.47 -8.56
CA THR A 174 24.60 1.73 -9.79
C THR A 174 23.61 2.45 -10.69
N ALA A 175 23.59 2.02 -11.95
CA ALA A 175 22.69 2.58 -12.94
C ALA A 175 21.39 1.79 -13.06
N SER A 176 21.30 0.62 -12.42
CA SER A 176 20.12 -0.23 -12.52
C SER A 176 20.14 -1.17 -11.34
N ASN A 177 18.96 -1.72 -11.01
CA ASN A 177 18.91 -2.84 -10.07
C ASN A 177 19.76 -4.01 -10.54
N GLY A 178 19.69 -4.36 -11.82
CA GLY A 178 20.42 -5.51 -12.32
C GLY A 178 21.92 -5.41 -12.09
N GLU A 179 22.47 -4.20 -12.27
CA GLU A 179 23.88 -3.95 -11.98
C GLU A 179 24.18 -4.19 -10.50
N GLY A 180 23.28 -3.73 -9.61
CA GLY A 180 23.48 -3.97 -8.19
C GLY A 180 23.43 -5.44 -7.81
N VAL A 181 22.49 -6.17 -8.41
CA VAL A 181 22.41 -7.61 -8.21
C VAL A 181 23.71 -8.27 -8.64
N GLU A 182 24.22 -7.89 -9.82
CA GLU A 182 25.43 -8.54 -10.29
C GLU A 182 26.62 -8.21 -9.40
N ARG A 183 26.67 -6.97 -8.89
CA ARG A 183 27.76 -6.62 -7.99
C ARG A 183 27.70 -7.39 -6.68
N VAL A 184 26.49 -7.66 -6.17
CA VAL A 184 26.37 -8.53 -5.00
C VAL A 184 26.84 -9.93 -5.32
N ALA A 185 26.32 -10.48 -6.44
CA ALA A 185 26.60 -11.86 -6.78
C ALA A 185 28.08 -12.08 -7.04
N LYS A 186 28.69 -11.20 -7.82
CA LYS A 186 30.12 -11.36 -8.09
C LYS A 186 31.00 -10.83 -6.96
N GLY A 187 30.45 -10.07 -6.02
CA GLY A 187 31.28 -9.52 -4.97
C GLY A 187 31.68 -10.51 -3.91
N LYS A 188 31.03 -11.66 -3.85
CA LYS A 188 31.40 -12.74 -2.93
C LYS A 188 31.56 -12.20 -1.50
N GLY A 189 30.59 -11.38 -1.10
CA GLY A 189 30.54 -10.83 0.22
C GLY A 189 31.10 -9.43 0.34
N SER A 190 31.78 -8.93 -0.68
CA SER A 190 32.37 -7.60 -0.59
C SER A 190 31.38 -6.48 -0.83
N TYR A 191 30.14 -6.78 -1.24
CA TYR A 191 29.19 -5.74 -1.62
C TYR A 191 27.75 -6.11 -1.28
N ALA A 192 27.02 -5.17 -0.67
CA ALA A 192 25.60 -5.32 -0.42
C ALA A 192 24.86 -4.22 -1.16
N PHE A 193 23.64 -4.51 -1.63
CA PHE A 193 22.92 -3.54 -2.46
C PHE A 193 21.63 -3.16 -1.77
N LEU A 194 21.47 -1.87 -1.49
CA LEU A 194 20.20 -1.37 -0.97
C LEU A 194 19.19 -1.29 -2.12
N MET A 195 18.03 -1.90 -1.91
CA MET A 195 17.17 -2.29 -3.00
C MET A 195 15.76 -2.44 -2.47
N GLU A 196 14.80 -2.23 -3.36
CA GLU A 196 13.40 -2.30 -3.01
C GLU A 196 13.00 -3.75 -2.80
N SER A 197 12.18 -4.00 -1.76
CA SER A 197 11.86 -5.34 -1.29
C SER A 197 11.20 -6.21 -2.38
N THR A 198 10.28 -5.62 -3.14
CA THR A 198 9.69 -6.29 -4.29
C THR A 198 10.76 -6.78 -5.25
N SER A 199 11.70 -5.91 -5.59
CA SER A 199 12.71 -6.28 -6.56
C SER A 199 13.69 -7.29 -5.99
N ILE A 200 14.00 -7.16 -4.69
CA ILE A 200 14.81 -8.19 -4.00
C ILE A 200 14.14 -9.54 -4.13
N GLU A 201 12.83 -9.59 -3.93
CA GLU A 201 12.16 -10.89 -3.86
C GLU A 201 12.22 -11.62 -5.20
N TYR A 202 12.15 -10.89 -6.30
CA TYR A 202 12.33 -11.51 -7.60
C TYR A 202 13.67 -12.22 -7.69
N VAL A 203 14.71 -11.55 -7.19
CA VAL A 203 16.06 -12.08 -7.22
C VAL A 203 16.20 -13.28 -6.30
N THR A 204 15.72 -13.16 -5.05
CA THR A 204 15.99 -14.24 -4.10
C THR A 204 15.15 -15.47 -4.38
N GLU A 205 14.07 -15.32 -5.16
CA GLU A 205 13.32 -16.49 -5.62
C GLU A 205 14.13 -17.31 -6.61
N ARG A 206 15.13 -16.71 -7.24
CA ARG A 206 15.86 -17.33 -8.35
C ARG A 206 17.33 -17.54 -8.10
N ASN A 207 17.98 -16.77 -7.23
CA ASN A 207 19.37 -16.99 -6.86
C ASN A 207 19.40 -17.41 -5.40
N CYS A 208 19.52 -18.71 -5.17
CA CYS A 208 19.41 -19.26 -3.83
C CYS A 208 20.60 -18.92 -2.94
N GLU A 209 21.64 -18.32 -3.50
CA GLU A 209 22.76 -17.90 -2.67
C GLU A 209 22.62 -16.46 -2.20
N LEU A 210 21.58 -15.75 -2.62
CA LEU A 210 21.34 -14.39 -2.20
C LEU A 210 20.14 -14.36 -1.26
N THR A 211 20.04 -13.30 -0.46
CA THR A 211 18.95 -13.18 0.49
C THR A 211 18.66 -11.71 0.77
N GLN A 212 17.48 -11.46 1.30
CA GLN A 212 17.18 -10.16 1.90
C GLN A 212 17.70 -10.14 3.31
N VAL A 213 18.41 -9.09 3.67
CA VAL A 213 18.96 -8.93 5.00
C VAL A 213 18.07 -7.98 5.78
N GLY A 214 17.52 -8.45 6.88
CA GLY A 214 16.70 -7.60 7.70
C GLY A 214 15.34 -7.36 7.07
N GLY A 215 14.65 -6.39 7.64
CA GLY A 215 13.31 -6.07 7.23
C GLY A 215 13.30 -4.89 6.28
N MET A 216 12.14 -4.25 6.18
CA MET A 216 12.04 -3.06 5.35
C MET A 216 12.36 -1.83 6.21
N LEU A 217 13.04 -0.86 5.62
CA LEU A 217 13.46 0.34 6.35
C LEU A 217 12.46 1.47 6.23
N ASP A 218 11.56 1.38 5.25
CA ASP A 218 10.51 2.36 5.07
C ASP A 218 9.33 1.66 4.42
N THR A 219 8.28 2.41 4.16
CA THR A 219 7.09 1.90 3.50
C THR A 219 6.74 2.87 2.37
N LYS A 220 6.44 2.32 1.19
CA LYS A 220 6.12 3.17 0.04
C LYS A 220 5.39 2.31 -0.98
N SER A 221 5.03 2.93 -2.11
CA SER A 221 4.23 2.27 -3.11
C SER A 221 4.71 2.68 -4.50
N TYR A 222 4.41 1.82 -5.46
CA TYR A 222 4.44 2.16 -6.87
C TYR A 222 3.05 2.59 -7.33
N GLY A 223 2.99 3.60 -8.19
CA GLY A 223 1.76 3.94 -8.85
C GLY A 223 2.05 4.37 -10.28
N ILE A 224 1.01 4.43 -11.07
CA ILE A 224 1.13 4.94 -12.45
C ILE A 224 1.17 6.46 -12.40
N ALA A 225 2.15 7.06 -13.10
CA ALA A 225 2.28 8.51 -13.14
C ALA A 225 1.77 9.05 -14.46
N THR A 226 1.23 10.26 -14.43
CA THR A 226 0.70 10.94 -15.61
C THR A 226 1.20 12.37 -15.61
N PRO A 227 1.13 13.06 -16.75
CA PRO A 227 1.33 14.49 -16.73
C PRO A 227 0.36 15.12 -15.77
N PRO A 228 0.71 16.24 -15.17
CA PRO A 228 -0.24 16.90 -14.26
C PRO A 228 -1.54 17.26 -14.95
N ASN A 229 -2.63 16.99 -14.23
CA ASN A 229 -4.01 17.17 -14.63
C ASN A 229 -4.41 16.30 -15.82
N SER A 230 -3.71 15.20 -16.05
CA SER A 230 -4.11 14.30 -17.11
C SER A 230 -5.59 13.94 -16.99
N PRO A 231 -6.34 13.95 -18.09
CA PRO A 231 -7.75 13.53 -18.05
C PRO A 231 -7.97 12.04 -17.97
N TYR A 232 -6.91 11.23 -18.01
CA TYR A 232 -7.04 9.78 -18.01
C TYR A 232 -6.76 9.15 -16.65
N ARG A 233 -6.15 9.90 -15.72
CA ARG A 233 -5.72 9.34 -14.44
C ARG A 233 -6.88 8.73 -13.64
N THR A 234 -8.00 9.48 -13.54
CA THR A 234 -9.17 9.00 -12.82
C THR A 234 -9.64 7.65 -13.33
N ALA A 235 -9.73 7.50 -14.65
CA ALA A 235 -10.23 6.25 -15.21
C ALA A 235 -9.28 5.10 -14.91
N ILE A 236 -7.97 5.35 -14.98
CA ILE A 236 -6.98 4.31 -14.77
C ILE A 236 -6.96 3.93 -13.30
N ASN A 237 -7.12 4.94 -12.44
CA ASN A 237 -7.21 4.72 -11.00
C ASN A 237 -8.30 3.73 -10.64
N SER A 238 -9.49 3.90 -11.24
N SER A 238 -9.47 3.90 -11.27
CA SER A 238 -10.58 2.96 -10.98
CA SER A 238 -10.61 3.01 -11.04
C SER A 238 -10.24 1.57 -11.46
C SER A 238 -10.31 1.60 -11.50
N VAL A 239 -9.56 1.45 -12.60
CA VAL A 239 -9.23 0.11 -13.07
C VAL A 239 -8.27 -0.58 -12.11
N ILE A 240 -7.32 0.18 -11.54
CA ILE A 240 -6.39 -0.42 -10.59
C ILE A 240 -7.16 -0.98 -9.40
N LEU A 241 -8.11 -0.21 -8.86
CA LEU A 241 -8.88 -0.69 -7.73
C LEU A 241 -9.69 -1.93 -8.10
N LYS A 242 -10.28 -1.95 -9.29
CA LYS A 242 -11.04 -3.12 -9.74
C LYS A 242 -10.15 -4.35 -9.85
N LEU A 243 -8.97 -4.20 -10.47
CA LEU A 243 -8.03 -5.31 -10.57
C LEU A 243 -7.58 -5.79 -9.20
N GLN A 244 -7.30 -4.86 -8.29
CA GLN A 244 -6.94 -5.24 -6.92
C GLN A 244 -8.01 -6.13 -6.31
N GLU A 245 -9.25 -5.66 -6.36
CA GLU A 245 -10.35 -6.34 -5.69
C GLU A 245 -10.65 -7.69 -6.33
N GLU A 246 -10.50 -7.81 -7.64
CA GLU A 246 -10.71 -9.07 -8.33
C GLU A 246 -9.60 -10.08 -8.08
N GLY A 247 -8.54 -9.65 -7.41
CA GLY A 247 -7.41 -10.51 -7.13
C GLY A 247 -6.44 -10.62 -8.28
N LYS A 248 -6.64 -9.82 -9.33
CA LYS A 248 -5.80 -9.95 -10.52
C LYS A 248 -4.40 -9.35 -10.31
N LEU A 249 -4.25 -8.34 -9.45
CA LEU A 249 -2.90 -7.85 -9.21
C LEU A 249 -2.07 -8.91 -8.50
N HIS A 250 -2.68 -9.63 -7.55
CA HIS A 250 -1.95 -10.67 -6.85
C HIS A 250 -1.62 -11.83 -7.79
N ILE A 251 -2.55 -12.17 -8.69
CA ILE A 251 -2.27 -13.21 -9.69
C ILE A 251 -1.09 -12.80 -10.56
N LEU A 252 -1.06 -11.54 -11.01
CA LEU A 252 0.07 -11.03 -11.78
C LEU A 252 1.36 -11.04 -10.95
N LYS A 253 1.31 -10.70 -9.66
CA LYS A 253 2.51 -10.76 -8.82
C LYS A 253 3.03 -12.19 -8.73
N THR A 254 2.14 -13.13 -8.49
CA THR A 254 2.52 -14.54 -8.39
C THR A 254 3.16 -15.02 -9.69
N LYS A 255 2.55 -14.65 -10.81
CA LYS A 255 3.08 -15.02 -12.12
C LYS A 255 4.52 -14.60 -12.28
N TRP A 256 4.82 -13.32 -12.08
CA TRP A 256 6.13 -12.80 -12.41
C TRP A 256 7.14 -13.07 -11.29
N TRP A 257 6.69 -13.19 -10.04
CA TRP A 257 7.63 -13.36 -8.93
C TRP A 257 7.96 -14.82 -8.64
N LYS A 258 7.00 -15.72 -8.88
CA LYS A 258 7.12 -17.12 -8.48
C LYS A 258 7.24 -18.07 -9.66
N GLU A 259 6.67 -17.75 -10.82
CA GLU A 259 6.59 -18.70 -11.92
C GLU A 259 7.60 -18.40 -13.02
N LYS A 260 7.53 -17.21 -13.62
CA LYS A 260 8.30 -16.93 -14.82
C LYS A 260 9.80 -16.95 -14.57
N ARG A 261 10.54 -17.43 -15.58
CA ARG A 261 11.99 -17.40 -15.57
C ARG A 261 12.56 -18.08 -14.32
N GLY A 262 12.14 -19.33 -14.11
CA GLY A 262 12.77 -20.18 -13.13
C GLY A 262 12.49 -19.81 -11.69
N GLY A 263 11.37 -19.14 -11.44
CA GLY A 263 11.06 -18.75 -10.08
C GLY A 263 10.69 -19.95 -9.22
N GLY A 264 10.92 -19.81 -7.92
CA GLY A 264 10.35 -20.73 -6.96
C GLY A 264 11.12 -22.00 -6.71
N LYS A 265 12.43 -22.04 -6.99
CA LYS A 265 13.19 -23.28 -6.88
C LYS A 265 14.06 -23.37 -5.64
N CYS A 266 14.20 -22.30 -4.87
CA CYS A 266 15.03 -22.34 -3.67
C CYS A 266 14.24 -22.95 -2.50
N ARG A 267 14.92 -23.75 -1.68
CA ARG A 267 14.29 -24.33 -0.48
C ARG A 267 14.21 -23.31 0.66
N LYS B 5 -6.62 30.09 6.00
CA LYS B 5 -6.02 29.94 7.32
C LYS B 5 -7.11 29.89 8.41
N ASN B 6 -8.17 30.69 8.23
CA ASN B 6 -9.33 30.65 9.11
C ASN B 6 -10.37 29.61 8.66
N LYS B 7 -10.08 28.87 7.59
CA LYS B 7 -11.01 27.86 7.09
C LYS B 7 -11.28 26.80 8.17
N THR B 8 -12.56 26.39 8.31
CA THR B 8 -12.95 25.35 9.27
C THR B 8 -13.65 24.20 8.54
N LEU B 9 -13.03 23.01 8.59
CA LEU B 9 -13.56 21.84 7.89
C LEU B 9 -14.22 20.90 8.86
N VAL B 10 -15.27 20.24 8.40
CA VAL B 10 -15.96 19.23 9.18
C VAL B 10 -15.37 17.88 8.79
N VAL B 11 -14.94 17.12 9.78
CA VAL B 11 -14.32 15.83 9.56
C VAL B 11 -15.26 14.77 10.09
N THR B 12 -15.74 13.91 9.21
CA THR B 12 -16.53 12.77 9.63
C THR B 12 -15.59 11.61 9.94
N THR B 13 -15.91 10.89 11.01
CA THR B 13 -15.12 9.75 11.44
C THR B 13 -16.06 8.82 12.19
N ILE B 14 -15.50 7.76 12.76
CA ILE B 14 -16.29 6.69 13.36
C ILE B 14 -15.45 6.10 14.47
N LEU B 15 -16.13 5.66 15.53
CA LEU B 15 -15.42 5.08 16.67
C LEU B 15 -14.94 3.69 16.32
N SER B 16 -13.64 3.52 16.30
CA SER B 16 -13.02 2.25 15.93
C SER B 16 -11.64 2.28 16.54
N ASN B 17 -11.30 1.28 17.36
CA ASN B 17 -10.02 1.27 18.08
C ASN B 17 -8.88 0.91 17.12
N PRO B 18 -7.79 1.68 17.10
CA PRO B 18 -7.38 2.90 17.78
C PRO B 18 -7.46 4.13 16.90
N TYR B 19 -8.21 4.05 15.79
CA TYR B 19 -8.25 5.14 14.83
C TYR B 19 -8.92 6.35 15.46
N CYS B 20 -10.06 6.12 16.11
CA CYS B 20 -10.76 7.18 16.82
C CYS B 20 -11.50 6.58 17.99
N MET B 21 -11.14 7.03 19.19
CA MET B 21 -11.65 6.51 20.44
C MET B 21 -12.07 7.68 21.32
N ARG B 22 -13.11 7.48 22.12
CA ARG B 22 -13.38 8.44 23.17
C ARG B 22 -12.30 8.37 24.22
N LYS B 23 -11.80 9.51 24.66
CA LYS B 23 -10.82 9.49 25.74
C LYS B 23 -11.41 8.83 26.99
N GLU B 24 -10.53 8.21 27.77
CA GLU B 24 -10.92 7.61 29.04
C GLU B 24 -10.91 8.74 30.06
N SER B 25 -12.09 9.21 30.45
CA SER B 25 -12.20 10.42 31.25
C SER B 25 -13.42 10.31 32.14
N ALA B 26 -13.20 10.51 33.44
CA ALA B 26 -14.29 10.57 34.40
C ALA B 26 -14.93 11.94 34.46
N ILE B 27 -14.36 12.93 33.77
CA ILE B 27 -14.98 14.25 33.72
C ILE B 27 -15.46 14.52 32.30
N PRO B 28 -16.50 15.36 32.16
CA PRO B 28 -17.07 15.62 30.83
C PRO B 28 -16.10 16.30 29.89
N LEU B 29 -16.16 15.90 28.62
CA LEU B 29 -15.37 16.50 27.56
C LEU B 29 -16.33 16.88 26.43
N SER B 30 -15.93 17.84 25.61
CA SER B 30 -16.76 18.19 24.46
C SER B 30 -15.88 18.52 23.27
N GLY B 31 -16.52 18.61 22.08
CA GLY B 31 -15.81 19.02 20.90
C GLY B 31 -14.78 17.99 20.48
N ASN B 32 -13.74 18.45 19.79
CA ASN B 32 -12.64 17.58 19.38
C ASN B 32 -11.92 16.98 20.57
N ASP B 33 -12.00 17.64 21.72
CA ASP B 33 -11.31 17.17 22.90
C ASP B 33 -11.83 15.82 23.40
N GLN B 34 -13.01 15.40 22.96
CA GLN B 34 -13.58 14.12 23.36
C GLN B 34 -12.78 12.92 22.83
N PHE B 35 -12.01 13.11 21.76
CA PHE B 35 -11.53 12.00 20.95
C PHE B 35 -10.01 11.99 20.92
N GLU B 36 -9.47 10.78 20.71
CA GLU B 36 -8.06 10.58 20.49
C GLU B 36 -7.90 9.37 19.59
N GLY B 37 -6.73 9.24 19.00
CA GLY B 37 -6.41 8.04 18.26
C GLY B 37 -5.55 8.37 17.05
N TYR B 38 -5.22 7.34 16.30
CA TYR B 38 -4.36 7.53 15.14
C TYR B 38 -4.97 8.52 14.15
N ALA B 39 -6.27 8.39 13.88
CA ALA B 39 -6.90 9.30 12.90
C ALA B 39 -6.99 10.71 13.44
N VAL B 40 -7.24 10.85 14.73
CA VAL B 40 -7.27 12.16 15.36
C VAL B 40 -5.90 12.84 15.26
N ASP B 41 -4.82 12.08 15.52
CA ASP B 41 -3.49 12.64 15.34
C ASP B 41 -3.20 12.98 13.89
N LEU B 42 -3.64 12.13 12.96
CA LEU B 42 -3.38 12.36 11.56
C LEU B 42 -4.05 13.64 11.08
N ILE B 43 -5.32 13.83 11.43
CA ILE B 43 -5.96 15.06 10.99
C ILE B 43 -5.33 16.24 11.70
N HIS B 44 -4.89 16.09 12.94
CA HIS B 44 -4.18 17.20 13.57
C HIS B 44 -2.94 17.58 12.74
N GLU B 45 -2.15 16.59 12.33
CA GLU B 45 -0.93 16.88 11.58
C GLU B 45 -1.24 17.54 10.25
N ILE B 46 -2.30 17.08 9.58
CA ILE B 46 -2.71 17.65 8.30
C ILE B 46 -3.16 19.09 8.47
N SER B 47 -3.99 19.33 9.50
CA SER B 47 -4.48 20.68 9.74
C SER B 47 -3.33 21.64 10.06
N LYS B 48 -2.31 21.16 10.76
CA LYS B 48 -1.17 22.02 11.06
C LYS B 48 -0.42 22.40 9.80
N SER B 49 -0.11 21.40 8.97
CA SER B 49 0.65 21.64 7.75
C SER B 49 -0.12 22.55 6.78
N LEU B 50 -1.43 22.35 6.65
CA LEU B 50 -2.22 23.11 5.70
C LEU B 50 -2.91 24.32 6.31
N GLY B 51 -2.87 24.47 7.62
CA GLY B 51 -3.40 25.64 8.30
C GLY B 51 -4.90 25.82 8.17
N PHE B 52 -5.67 24.78 8.50
CA PHE B 52 -7.11 24.94 8.64
C PHE B 52 -7.50 24.49 10.04
N ASN B 53 -8.66 24.95 10.51
CA ASN B 53 -9.30 24.42 11.71
C ASN B 53 -10.32 23.37 11.32
N TYR B 54 -10.72 22.55 12.29
CA TYR B 54 -11.60 21.43 11.95
C TYR B 54 -12.43 21.03 13.16
N LYS B 55 -13.57 20.40 12.85
CA LYS B 55 -14.52 19.90 13.84
C LYS B 55 -14.76 18.44 13.54
N ILE B 56 -14.46 17.58 14.51
CA ILE B 56 -14.69 16.15 14.37
C ILE B 56 -16.14 15.86 14.68
N GLN B 57 -16.81 15.14 13.79
CA GLN B 57 -18.20 14.75 14.02
C GLN B 57 -18.34 13.27 13.73
N LEU B 58 -18.71 12.49 14.74
CA LEU B 58 -18.99 11.08 14.51
C LEU B 58 -20.15 10.92 13.53
N VAL B 59 -19.99 10.03 12.56
CA VAL B 59 -21.05 9.76 11.57
C VAL B 59 -22.33 9.32 12.31
N PRO B 60 -23.46 10.01 12.09
CA PRO B 60 -24.65 9.76 12.94
C PRO B 60 -25.16 8.34 12.87
N ASP B 61 -25.10 7.69 11.72
CA ASP B 61 -25.61 6.33 11.63
C ASP B 61 -24.58 5.28 11.99
N GLY B 62 -23.43 5.67 12.55
CA GLY B 62 -22.42 4.69 12.91
C GLY B 62 -21.97 3.73 11.82
N SER B 63 -22.01 4.17 10.55
CA SER B 63 -21.69 3.30 9.43
C SER B 63 -20.51 3.83 8.62
N TYR B 64 -19.74 2.92 8.04
CA TYR B 64 -18.61 3.33 7.23
C TYR B 64 -19.09 3.91 5.91
N GLY B 65 -20.02 3.24 5.25
CA GLY B 65 -20.53 3.70 3.98
C GLY B 65 -20.72 2.55 3.01
N SER B 66 -21.99 2.15 2.80
CA SER B 66 -22.32 1.13 1.84
C SER B 66 -23.37 1.68 0.86
N LEU B 67 -23.41 1.06 -0.29
CA LEU B 67 -24.34 1.44 -1.34
C LEU B 67 -25.51 0.46 -1.39
N ASN B 68 -26.72 0.98 -1.23
CA ASN B 68 -27.93 0.17 -1.38
C ASN B 68 -28.25 0.11 -2.88
N LYS B 69 -28.14 -1.08 -3.48
CA LYS B 69 -28.39 -1.20 -4.91
C LYS B 69 -29.85 -0.90 -5.25
N LEU B 70 -30.77 -1.31 -4.38
CA LEU B 70 -32.19 -1.09 -4.64
C LEU B 70 -32.48 0.39 -4.82
N THR B 71 -31.98 1.23 -3.92
CA THR B 71 -32.27 2.65 -3.94
C THR B 71 -31.16 3.48 -4.57
N GLY B 72 -29.97 2.91 -4.74
CA GLY B 72 -28.84 3.68 -5.21
C GLY B 72 -28.31 4.68 -4.21
N GLU B 73 -28.68 4.54 -2.94
CA GLU B 73 -28.34 5.51 -1.90
C GLU B 73 -27.16 5.00 -1.08
N TRP B 74 -26.26 5.91 -0.72
CA TRP B 74 -25.16 5.65 0.20
C TRP B 74 -25.58 5.93 1.63
N ASN B 75 -24.88 5.32 2.58
CA ASN B 75 -25.01 5.76 3.96
C ASN B 75 -23.64 6.08 4.54
N GLY B 76 -23.56 6.24 5.86
CA GLY B 76 -22.27 6.29 6.51
C GLY B 76 -21.50 7.56 6.18
N MET B 77 -20.18 7.44 6.31
CA MET B 77 -19.31 8.60 6.10
C MET B 77 -19.36 9.04 4.64
N ILE B 78 -19.58 8.10 3.74
CA ILE B 78 -19.64 8.44 2.32
C ILE B 78 -20.80 9.39 2.08
N ARG B 79 -21.96 9.06 2.62
CA ARG B 79 -23.12 9.93 2.47
C ARG B 79 -22.88 11.31 3.06
N GLU B 80 -22.21 11.38 4.20
CA GLU B 80 -21.93 12.69 4.79
C GLU B 80 -21.13 13.54 3.83
N LEU B 81 -20.22 12.93 3.08
CA LEU B 81 -19.48 13.66 2.07
C LEU B 81 -20.38 14.05 0.92
N LEU B 82 -21.16 13.11 0.41
CA LEU B 82 -21.98 13.39 -0.77
C LEU B 82 -23.03 14.45 -0.49
N GLU B 83 -23.55 14.49 0.72
CA GLU B 83 -24.55 15.49 1.11
C GLU B 83 -23.91 16.80 1.57
N GLN B 84 -22.60 16.94 1.46
CA GLN B 84 -21.91 18.19 1.80
C GLN B 84 -22.02 18.53 3.28
N ARG B 85 -22.18 17.54 4.15
CA ARG B 85 -22.13 17.82 5.57
C ARG B 85 -20.75 17.61 6.14
N ALA B 86 -19.86 16.92 5.42
CA ALA B 86 -18.49 16.78 5.85
C ALA B 86 -17.56 17.11 4.69
N ASP B 87 -16.41 17.68 5.05
CA ASP B 87 -15.40 18.00 4.05
C ASP B 87 -14.41 16.87 3.82
N LEU B 88 -14.13 16.10 4.87
CA LEU B 88 -13.19 15.00 4.83
C LEU B 88 -13.74 13.87 5.67
N ALA B 89 -13.46 12.63 5.26
CA ALA B 89 -13.68 11.48 6.13
C ALA B 89 -12.33 10.87 6.47
N ILE B 90 -12.00 10.79 7.76
CA ILE B 90 -10.70 10.29 8.23
C ILE B 90 -10.98 9.20 9.26
N ALA B 91 -10.67 7.97 8.92
CA ALA B 91 -11.03 6.78 9.69
C ALA B 91 -10.31 5.58 9.10
N ASP B 92 -10.59 4.41 9.69
CA ASP B 92 -10.25 3.14 9.06
C ASP B 92 -11.23 2.88 7.90
N LEU B 93 -11.18 3.75 6.91
CA LEU B 93 -12.10 3.72 5.77
C LEU B 93 -11.40 3.15 4.56
N THR B 94 -11.87 2.02 4.07
CA THR B 94 -11.19 1.32 2.99
C THR B 94 -11.44 2.02 1.64
N ILE B 95 -10.36 2.21 0.88
CA ILE B 95 -10.44 2.61 -0.52
C ILE B 95 -10.97 1.43 -1.31
N THR B 96 -12.19 1.55 -1.82
CA THR B 96 -12.78 0.56 -2.71
C THR B 96 -13.13 1.18 -4.06
N PHE B 97 -13.12 0.34 -5.09
CA PHE B 97 -13.58 0.75 -6.40
C PHE B 97 -14.95 1.42 -6.33
N GLU B 98 -15.88 0.76 -5.65
CA GLU B 98 -17.24 1.25 -5.56
C GLU B 98 -17.32 2.62 -4.91
N ARG B 99 -16.61 2.82 -3.80
CA ARG B 99 -16.64 4.13 -3.15
C ARG B 99 -15.94 5.18 -4.01
N GLU B 100 -14.88 4.80 -4.72
CA GLU B 100 -14.15 5.78 -5.52
C GLU B 100 -14.97 6.24 -6.72
N GLN B 101 -16.03 5.51 -7.08
CA GLN B 101 -16.90 6.02 -8.13
C GLN B 101 -17.71 7.22 -7.66
N ALA B 102 -17.89 7.37 -6.35
CA ALA B 102 -18.75 8.38 -5.75
C ALA B 102 -17.99 9.49 -5.08
N VAL B 103 -16.88 9.16 -4.40
CA VAL B 103 -16.03 10.13 -3.72
C VAL B 103 -14.61 9.95 -4.23
N ASP B 104 -13.70 10.84 -3.78
CA ASP B 104 -12.30 10.82 -4.20
C ASP B 104 -11.43 10.55 -2.98
N PHE B 105 -10.69 9.45 -3.02
CA PHE B 105 -9.77 9.16 -1.95
C PHE B 105 -8.41 9.80 -2.22
N THR B 106 -7.74 10.16 -1.13
CA THR B 106 -6.31 10.44 -1.16
C THR B 106 -5.51 9.18 -1.44
N THR B 107 -4.23 9.40 -1.71
CA THR B 107 -3.27 8.34 -1.65
C THR B 107 -3.34 7.67 -0.28
N PRO B 108 -3.04 6.37 -0.19
CA PRO B 108 -3.23 5.67 1.08
C PRO B 108 -2.32 6.17 2.18
N PHE B 109 -2.78 6.01 3.43
CA PHE B 109 -1.91 6.21 4.58
C PHE B 109 -1.67 4.94 5.37
N MET B 110 -2.34 3.83 5.04
CA MET B 110 -2.12 2.60 5.78
C MET B 110 -2.55 1.45 4.88
N ASN B 111 -1.78 0.37 4.89
CA ASN B 111 -2.12 -0.85 4.15
C ASN B 111 -2.61 -1.94 5.10
N LEU B 112 -3.39 -2.87 4.56
CA LEU B 112 -4.04 -3.89 5.38
C LEU B 112 -4.57 -5.01 4.50
N GLY B 113 -5.14 -6.04 5.15
CA GLY B 113 -5.91 -7.04 4.44
C GLY B 113 -6.86 -7.70 5.41
N VAL B 114 -7.88 -8.35 4.85
CA VAL B 114 -8.81 -9.12 5.66
C VAL B 114 -8.06 -10.29 6.31
N SER B 115 -8.37 -10.55 7.57
CA SER B 115 -7.85 -11.75 8.22
C SER B 115 -8.88 -12.23 9.25
N ILE B 116 -8.45 -13.12 10.15
CA ILE B 116 -9.31 -13.78 11.12
C ILE B 116 -8.83 -13.47 12.55
N LEU B 117 -9.74 -13.01 13.39
CA LEU B 117 -9.51 -12.89 14.82
C LEU B 117 -10.13 -14.09 15.53
N TYR B 118 -9.33 -14.76 16.33
CA TYR B 118 -9.86 -15.92 17.05
C TYR B 118 -9.01 -16.15 18.30
N ARG B 119 -9.38 -17.17 19.07
CA ARG B 119 -8.56 -17.47 20.23
C ARG B 119 -7.35 -18.28 19.81
N LYS B 120 -6.31 -18.22 20.65
CA LYS B 120 -5.08 -18.96 20.44
C LYS B 120 -5.24 -20.44 20.77
N GLY B 121 -4.36 -21.24 20.19
CA GLY B 121 -4.24 -22.65 20.54
C GLY B 121 -5.44 -23.51 20.19
N THR B 122 -5.91 -23.44 18.96
CA THR B 122 -6.98 -24.27 18.48
C THR B 122 -6.54 -24.91 17.18
N PRO B 123 -7.28 -25.88 16.68
CA PRO B 123 -6.92 -26.47 15.37
C PRO B 123 -7.25 -25.57 14.19
N ILE B 124 -7.93 -24.45 14.38
CA ILE B 124 -8.26 -23.56 13.27
C ILE B 124 -6.99 -22.78 12.91
N GLU B 125 -6.46 -22.99 11.71
CA GLU B 125 -5.23 -22.33 11.29
C GLU B 125 -5.41 -21.49 10.03
N SER B 126 -6.60 -21.47 9.44
CA SER B 126 -6.78 -20.80 8.17
C SER B 126 -8.27 -20.60 7.94
N ALA B 127 -8.56 -19.76 6.94
CA ALA B 127 -9.94 -19.61 6.53
C ALA B 127 -10.52 -20.92 6.03
N GLU B 128 -9.72 -21.70 5.29
CA GLU B 128 -10.15 -23.02 4.85
C GLU B 128 -10.66 -23.86 6.01
N ASP B 129 -9.99 -23.79 7.16
CA ASP B 129 -10.40 -24.55 8.32
C ASP B 129 -11.75 -24.10 8.86
N LEU B 130 -12.06 -22.80 8.74
CA LEU B 130 -13.36 -22.30 9.16
C LEU B 130 -14.46 -22.71 8.20
N ALA B 131 -14.19 -22.59 6.89
CA ALA B 131 -15.24 -22.82 5.91
C ALA B 131 -15.69 -24.27 5.91
N LYS B 132 -14.79 -25.17 6.25
CA LYS B 132 -15.01 -26.62 6.23
C LYS B 132 -15.83 -27.12 7.41
N GLN B 133 -16.20 -26.26 8.37
CA GLN B 133 -16.94 -26.69 9.55
C GLN B 133 -18.05 -25.68 9.85
N THR B 134 -18.89 -26.04 10.82
CA THR B 134 -19.99 -25.18 11.28
C THR B 134 -20.06 -25.03 12.79
N ARG B 135 -19.26 -25.78 13.54
CA ARG B 135 -19.27 -25.69 15.00
C ARG B 135 -18.90 -24.28 15.46
N ILE B 136 -17.84 -23.73 14.89
CA ILE B 136 -17.41 -22.38 15.20
C ILE B 136 -18.12 -21.45 14.23
N LYS B 137 -18.92 -20.54 14.74
CA LYS B 137 -19.56 -19.57 13.86
C LYS B 137 -18.57 -18.48 13.54
N TYR B 138 -18.80 -17.78 12.42
CA TYR B 138 -17.92 -16.70 12.05
C TYR B 138 -18.71 -15.68 11.25
N GLY B 139 -18.35 -14.41 11.43
CA GLY B 139 -18.99 -13.33 10.72
C GLY B 139 -18.05 -12.15 10.47
N ALA B 140 -18.66 -11.00 10.15
CA ALA B 140 -17.93 -9.79 9.77
C ALA B 140 -18.80 -8.58 10.10
N LEU B 141 -18.18 -7.41 10.02
CA LEU B 141 -18.91 -6.16 10.19
C LEU B 141 -19.95 -6.04 9.08
N LYS B 142 -21.19 -5.79 9.47
CA LYS B 142 -22.26 -5.62 8.50
C LYS B 142 -22.03 -4.36 7.66
N GLY B 143 -22.09 -4.54 6.35
CA GLY B 143 -22.03 -3.40 5.45
C GLY B 143 -20.65 -2.90 5.13
N GLY B 144 -19.60 -3.53 5.67
CA GLY B 144 -18.25 -3.05 5.45
C GLY B 144 -17.59 -3.70 4.24
N SER B 145 -16.32 -3.33 4.03
CA SER B 145 -15.57 -3.85 2.89
C SER B 145 -15.15 -5.30 3.08
N THR B 146 -15.07 -5.78 4.32
CA THR B 146 -14.77 -7.19 4.53
C THR B 146 -15.94 -8.04 4.09
N ALA B 147 -17.15 -7.67 4.52
CA ALA B 147 -18.32 -8.42 4.07
C ALA B 147 -18.42 -8.39 2.55
N ALA B 148 -18.14 -7.24 1.94
CA ALA B 148 -18.22 -7.16 0.49
C ALA B 148 -17.20 -8.08 -0.18
N PHE B 149 -15.98 -8.13 0.34
CA PHE B 149 -14.99 -9.07 -0.18
C PHE B 149 -15.54 -10.48 -0.29
N PHE B 150 -16.16 -10.96 0.80
CA PHE B 150 -16.69 -12.33 0.80
C PHE B 150 -17.87 -12.45 -0.16
N ARG B 151 -18.75 -11.45 -0.13
CA ARG B 151 -19.95 -11.47 -0.97
C ARG B 151 -19.59 -11.50 -2.45
N ASP B 152 -18.53 -10.81 -2.83
CA ASP B 152 -18.20 -10.67 -4.23
C ASP B 152 -17.16 -11.67 -4.71
N SER B 153 -16.60 -12.48 -3.82
CA SER B 153 -15.55 -13.40 -4.21
C SER B 153 -16.08 -14.49 -5.14
N LYS B 154 -15.20 -14.96 -6.02
CA LYS B 154 -15.50 -16.13 -6.83
C LYS B 154 -14.64 -17.32 -6.44
N ILE B 155 -13.89 -17.23 -5.34
CA ILE B 155 -13.16 -18.37 -4.81
C ILE B 155 -14.12 -19.25 -4.03
N SER B 156 -14.06 -20.56 -4.27
CA SER B 156 -15.00 -21.48 -3.64
C SER B 156 -14.99 -21.33 -2.12
N THR B 157 -13.80 -21.33 -1.52
CA THR B 157 -13.73 -21.26 -0.07
C THR B 157 -14.44 -20.00 0.46
N TYR B 158 -14.28 -18.86 -0.23
CA TYR B 158 -14.93 -17.63 0.26
C TYR B 158 -16.41 -17.59 -0.10
N GLN B 159 -16.80 -18.22 -1.21
CA GLN B 159 -18.21 -18.35 -1.52
C GLN B 159 -18.92 -19.19 -0.47
N ARG B 160 -18.31 -20.30 -0.05
CA ARG B 160 -18.88 -21.11 1.01
C ARG B 160 -19.00 -20.34 2.31
N MET B 161 -18.01 -19.51 2.64
CA MET B 161 -18.11 -18.72 3.87
C MET B 161 -19.20 -17.68 3.76
N TRP B 162 -19.32 -17.02 2.61
CA TRP B 162 -20.37 -16.03 2.43
C TRP B 162 -21.74 -16.67 2.58
N SER B 163 -21.94 -17.83 1.95
CA SER B 163 -23.22 -18.52 2.06
C SER B 163 -23.52 -18.87 3.50
N PHE B 164 -22.51 -19.36 4.23
CA PHE B 164 -22.70 -19.69 5.64
C PHE B 164 -23.10 -18.46 6.45
N MET B 165 -22.37 -17.36 6.26
CA MET B 165 -22.67 -16.12 6.99
C MET B 165 -24.04 -15.56 6.63
N GLU B 166 -24.38 -15.51 5.33
CA GLU B 166 -25.71 -15.02 4.97
C GLU B 166 -26.82 -15.88 5.57
N SER B 167 -26.61 -17.20 5.69
CA SER B 167 -27.65 -18.12 6.14
C SER B 167 -27.76 -18.21 7.65
N ALA B 168 -26.69 -17.86 8.37
CA ALA B 168 -26.64 -18.12 9.80
C ALA B 168 -27.69 -17.32 10.58
N ARG B 169 -28.29 -17.99 11.56
CA ARG B 169 -29.21 -17.35 12.50
C ARG B 169 -28.90 -17.85 13.92
N PRO B 170 -28.80 -16.92 14.89
CA PRO B 170 -28.93 -15.47 14.76
C PRO B 170 -27.78 -14.90 13.94
N SER B 171 -27.92 -13.65 13.52
CA SER B 171 -26.95 -13.02 12.64
C SER B 171 -25.53 -13.17 13.18
N VAL B 172 -24.59 -13.51 12.28
CA VAL B 172 -23.16 -13.49 12.63
C VAL B 172 -22.50 -12.15 12.34
N PHE B 173 -23.23 -11.19 11.77
CA PHE B 173 -22.67 -9.89 11.43
C PHE B 173 -22.74 -8.98 12.64
N THR B 174 -21.85 -8.00 12.68
CA THR B 174 -21.74 -7.10 13.81
C THR B 174 -21.95 -5.66 13.38
N ALA B 175 -22.24 -4.82 14.37
CA ALA B 175 -22.40 -3.40 14.12
C ALA B 175 -21.10 -2.62 14.22
N SER B 176 -20.02 -3.27 14.67
CA SER B 176 -18.76 -2.58 14.84
C SER B 176 -17.67 -3.63 15.00
N ASN B 177 -16.43 -3.22 14.77
CA ASN B 177 -15.33 -4.09 15.14
C ASN B 177 -15.39 -4.49 16.62
N GLY B 178 -15.66 -3.52 17.49
CA GLY B 178 -15.64 -3.79 18.90
C GLY B 178 -16.62 -4.89 19.29
N GLU B 179 -17.76 -4.95 18.63
CA GLU B 179 -18.72 -6.00 18.92
C GLU B 179 -18.17 -7.34 18.49
N GLY B 180 -17.51 -7.37 17.33
CA GLY B 180 -16.92 -8.61 16.86
C GLY B 180 -15.85 -9.10 17.82
N VAL B 181 -15.05 -8.16 18.35
CA VAL B 181 -13.98 -8.51 19.27
C VAL B 181 -14.57 -9.10 20.54
N GLU B 182 -15.62 -8.47 21.07
CA GLU B 182 -16.22 -8.97 22.28
C GLU B 182 -16.84 -10.35 22.05
N ARG B 183 -17.44 -10.56 20.88
CA ARG B 183 -18.04 -11.86 20.60
C ARG B 183 -16.98 -12.96 20.51
N VAL B 184 -15.80 -12.66 19.99
CA VAL B 184 -14.71 -13.62 20.05
C VAL B 184 -14.26 -13.81 21.48
N ALA B 185 -13.97 -12.69 22.17
CA ALA B 185 -13.30 -12.75 23.45
C ALA B 185 -14.14 -13.46 24.50
N LYS B 186 -15.46 -13.26 24.47
CA LYS B 186 -16.34 -13.85 25.45
C LYS B 186 -17.08 -15.07 24.91
N GLY B 187 -16.71 -15.54 23.73
CA GLY B 187 -17.44 -16.57 23.04
C GLY B 187 -17.01 -17.98 23.33
N LYS B 188 -15.97 -18.13 24.14
CA LYS B 188 -15.44 -19.43 24.53
C LYS B 188 -15.22 -20.31 23.30
N GLY B 189 -14.65 -19.72 22.25
CA GLY B 189 -14.28 -20.45 21.05
C GLY B 189 -15.41 -20.69 20.07
N SER B 190 -16.62 -20.25 20.38
CA SER B 190 -17.75 -20.47 19.49
C SER B 190 -17.84 -19.47 18.36
N TYR B 191 -17.00 -18.45 18.33
CA TYR B 191 -17.13 -17.41 17.31
C TYR B 191 -15.77 -16.88 16.90
N ALA B 192 -15.58 -16.74 15.60
CA ALA B 192 -14.41 -16.10 15.03
C ALA B 192 -14.87 -14.91 14.22
N PHE B 193 -14.03 -13.87 14.16
CA PHE B 193 -14.42 -12.61 13.53
C PHE B 193 -13.50 -12.30 12.36
N LEU B 194 -14.08 -12.11 11.19
CA LEU B 194 -13.35 -11.68 10.00
C LEU B 194 -13.15 -10.17 10.11
N MET B 195 -11.89 -9.74 10.07
CA MET B 195 -11.54 -8.41 10.57
C MET B 195 -10.29 -7.96 9.86
N GLU B 196 -10.14 -6.64 9.73
CA GLU B 196 -8.99 -6.09 9.05
C GLU B 196 -7.74 -6.24 9.91
N SER B 197 -6.63 -6.61 9.25
CA SER B 197 -5.41 -7.02 9.94
C SER B 197 -4.90 -5.93 10.87
N THR B 198 -4.99 -4.69 10.43
CA THR B 198 -4.58 -3.57 11.28
C THR B 198 -5.40 -3.54 12.55
N SER B 199 -6.71 -3.71 12.41
CA SER B 199 -7.56 -3.62 13.57
C SER B 199 -7.35 -4.82 14.48
N ILE B 200 -7.11 -6.00 13.89
CA ILE B 200 -6.76 -7.18 14.67
C ILE B 200 -5.50 -6.92 15.50
N GLU B 201 -4.48 -6.33 14.90
CA GLU B 201 -3.21 -6.20 15.60
C GLU B 201 -3.36 -5.35 16.84
N TYR B 202 -4.22 -4.32 16.79
CA TYR B 202 -4.49 -3.53 17.99
C TYR B 202 -5.02 -4.41 19.12
N VAL B 203 -5.93 -5.31 18.79
CA VAL B 203 -6.52 -6.21 19.77
C VAL B 203 -5.50 -7.19 20.31
N THR B 204 -4.75 -7.83 19.41
CA THR B 204 -3.87 -8.90 19.84
C THR B 204 -2.66 -8.37 20.60
N GLU B 205 -2.33 -7.10 20.45
CA GLU B 205 -1.31 -6.46 21.27
C GLU B 205 -1.75 -6.31 22.72
N ARG B 206 -3.04 -6.49 22.99
CA ARG B 206 -3.59 -6.12 24.29
C ARG B 206 -4.34 -7.28 24.94
N ASN B 207 -4.88 -8.20 24.15
CA ASN B 207 -5.53 -9.40 24.66
C ASN B 207 -4.69 -10.59 24.24
N CYS B 208 -3.90 -11.12 25.19
CA CYS B 208 -2.89 -12.10 24.83
C CYS B 208 -3.47 -13.47 24.56
N GLU B 209 -4.76 -13.68 24.80
CA GLU B 209 -5.42 -14.93 24.47
C GLU B 209 -6.02 -14.94 23.06
N LEU B 210 -5.95 -13.83 22.34
CA LEU B 210 -6.46 -13.74 20.97
C LEU B 210 -5.31 -13.63 19.98
N THR B 211 -5.58 -14.02 18.74
CA THR B 211 -4.54 -14.04 17.75
C THR B 211 -5.15 -13.82 16.38
N GLN B 212 -4.32 -13.38 15.42
CA GLN B 212 -4.71 -13.47 14.03
C GLN B 212 -4.50 -14.90 13.54
N VAL B 213 -5.48 -15.46 12.86
CA VAL B 213 -5.38 -16.81 12.32
C VAL B 213 -5.13 -16.69 10.82
N GLY B 214 -4.00 -17.25 10.39
CA GLY B 214 -3.67 -17.25 9.00
C GLY B 214 -3.14 -15.90 8.59
N GLY B 215 -2.97 -15.77 7.30
CA GLY B 215 -2.47 -14.55 6.74
C GLY B 215 -3.58 -13.64 6.31
N MET B 216 -3.24 -12.72 5.43
CA MET B 216 -4.22 -11.80 4.87
C MET B 216 -4.83 -12.42 3.61
N LEU B 217 -6.14 -12.22 3.44
CA LEU B 217 -6.86 -12.80 2.33
C LEU B 217 -6.92 -11.88 1.12
N ASP B 218 -6.61 -10.60 1.32
CA ASP B 218 -6.57 -9.64 0.23
C ASP B 218 -5.63 -8.54 0.65
N THR B 219 -5.47 -7.55 -0.22
CA THR B 219 -4.62 -6.41 0.06
C THR B 219 -5.42 -5.16 -0.27
N LYS B 220 -5.35 -4.17 0.60
CA LYS B 220 -6.09 -2.95 0.42
C LYS B 220 -5.49 -1.88 1.33
N SER B 221 -6.06 -0.68 1.26
CA SER B 221 -5.55 0.48 1.98
C SER B 221 -6.67 1.33 2.53
N TYR B 222 -6.32 2.11 3.57
CA TYR B 222 -7.12 3.22 4.03
C TYR B 222 -6.62 4.50 3.40
N GLY B 223 -7.58 5.39 3.11
CA GLY B 223 -7.28 6.70 2.60
C GLY B 223 -8.32 7.66 3.15
N ILE B 224 -8.01 8.94 3.05
CA ILE B 224 -8.95 9.98 3.44
C ILE B 224 -9.90 10.20 2.28
N ALA B 225 -11.20 10.21 2.54
CA ALA B 225 -12.15 10.45 1.46
C ALA B 225 -12.59 11.91 1.45
N THR B 226 -12.76 12.44 0.26
CA THR B 226 -13.17 13.81 0.03
C THR B 226 -14.33 13.78 -0.96
N PRO B 227 -15.17 14.80 -0.97
CA PRO B 227 -16.26 14.83 -1.97
C PRO B 227 -15.70 15.02 -3.38
N PRO B 228 -16.47 14.69 -4.40
CA PRO B 228 -16.03 14.95 -5.77
C PRO B 228 -15.60 16.40 -5.95
N ASN B 229 -14.53 16.62 -6.71
CA ASN B 229 -14.03 17.98 -7.00
C ASN B 229 -13.62 18.73 -5.73
N SER B 230 -13.20 18.00 -4.71
CA SER B 230 -12.77 18.65 -3.48
C SER B 230 -11.54 19.50 -3.76
N PRO B 231 -11.47 20.72 -3.23
CA PRO B 231 -10.25 21.53 -3.39
C PRO B 231 -9.16 21.22 -2.38
N TYR B 232 -9.34 20.18 -1.53
CA TYR B 232 -8.35 19.83 -0.53
C TYR B 232 -7.62 18.53 -0.81
N ARG B 233 -8.15 17.66 -1.67
CA ARG B 233 -7.58 16.32 -1.81
C ARG B 233 -6.11 16.41 -2.23
N THR B 234 -5.81 17.21 -3.23
CA THR B 234 -4.45 17.20 -3.76
C THR B 234 -3.47 17.69 -2.71
N ALA B 235 -3.83 18.71 -1.94
CA ALA B 235 -2.92 19.19 -0.92
C ALA B 235 -2.71 18.14 0.16
N ILE B 236 -3.78 17.44 0.53
CA ILE B 236 -3.66 16.41 1.55
C ILE B 236 -2.75 15.26 1.09
N ASN B 237 -2.79 14.92 -0.20
CA ASN B 237 -1.91 13.87 -0.72
C ASN B 237 -0.45 14.18 -0.44
N SER B 238 -0.04 15.43 -0.65
CA SER B 238 1.33 15.81 -0.40
C SER B 238 1.66 15.68 1.07
N VAL B 239 0.73 16.06 1.95
CA VAL B 239 0.99 15.91 3.38
C VAL B 239 1.19 14.44 3.73
N ILE B 240 0.31 13.58 3.25
CA ILE B 240 0.43 12.16 3.57
C ILE B 240 1.78 11.63 3.11
N LEU B 241 2.19 11.94 1.87
CA LEU B 241 3.47 11.44 1.38
C LEU B 241 4.65 11.99 2.20
N LYS B 242 4.56 13.25 2.62
CA LYS B 242 5.63 13.84 3.44
C LYS B 242 5.71 13.13 4.78
N LEU B 243 4.55 12.95 5.44
CA LEU B 243 4.52 12.25 6.72
C LEU B 243 5.04 10.82 6.59
N GLN B 244 4.67 10.16 5.50
CA GLN B 244 5.18 8.81 5.22
C GLN B 244 6.70 8.82 5.11
N GLU B 245 7.25 9.71 4.28
CA GLU B 245 8.69 9.71 4.03
C GLU B 245 9.47 10.13 5.26
N GLU B 246 8.92 11.04 6.06
CA GLU B 246 9.60 11.45 7.28
C GLU B 246 9.54 10.40 8.37
N GLY B 247 8.79 9.32 8.18
CA GLY B 247 8.65 8.30 9.21
C GLY B 247 7.57 8.55 10.25
N LYS B 248 6.81 9.61 10.11
CA LYS B 248 5.85 10.00 11.12
C LYS B 248 4.60 9.13 11.10
N LEU B 249 4.16 8.62 9.94
CA LEU B 249 3.06 7.67 9.98
C LEU B 249 3.46 6.41 10.73
N HIS B 250 4.70 5.95 10.57
CA HIS B 250 5.11 4.77 11.33
C HIS B 250 5.18 5.06 12.83
N ILE B 251 5.62 6.25 13.19
CA ILE B 251 5.66 6.61 14.60
C ILE B 251 4.26 6.62 15.18
N LEU B 252 3.29 7.16 14.42
CA LEU B 252 1.92 7.17 14.92
C LEU B 252 1.36 5.77 15.04
N LYS B 253 1.72 4.89 14.10
CA LYS B 253 1.28 3.50 14.21
C LYS B 253 1.83 2.87 15.48
N THR B 254 3.12 3.07 15.73
CA THR B 254 3.73 2.49 16.94
C THR B 254 3.06 3.03 18.19
N LYS B 255 2.85 4.34 18.23
CA LYS B 255 2.19 4.97 19.36
C LYS B 255 0.87 4.27 19.68
N TRP B 256 -0.01 4.15 18.68
CA TRP B 256 -1.33 3.65 18.97
C TRP B 256 -1.42 2.14 19.01
N TRP B 257 -0.54 1.41 18.32
CA TRP B 257 -0.68 -0.03 18.29
C TRP B 257 0.13 -0.73 19.35
N LYS B 258 1.25 -0.12 19.78
CA LYS B 258 2.13 -0.75 20.74
C LYS B 258 2.20 -0.05 22.10
N GLU B 259 1.91 1.25 22.19
CA GLU B 259 2.17 2.00 23.42
C GLU B 259 0.89 2.34 24.19
N LYS B 260 0.00 3.13 23.59
CA LYS B 260 -1.22 3.58 24.27
C LYS B 260 -2.12 2.42 24.73
N ARG B 261 -2.75 2.62 25.87
CA ARG B 261 -3.77 1.70 26.42
C ARG B 261 -3.24 0.27 26.51
N GLY B 262 -2.06 0.13 27.11
CA GLY B 262 -1.57 -1.15 27.53
C GLY B 262 -1.05 -2.07 26.45
N GLY B 263 -0.67 -1.53 25.27
CA GLY B 263 -0.09 -2.36 24.23
C GLY B 263 1.28 -2.92 24.61
N GLY B 264 1.67 -3.95 23.87
CA GLY B 264 3.04 -4.45 23.84
C GLY B 264 3.49 -5.24 25.03
N LYS B 265 2.56 -5.76 25.84
CA LYS B 265 2.93 -6.48 27.05
C LYS B 265 2.57 -7.97 26.97
N CYS B 266 2.21 -8.47 25.80
CA CYS B 266 1.96 -9.90 25.62
C CYS B 266 3.30 -10.62 25.47
N ARG B 267 3.67 -11.38 26.49
CA ARG B 267 4.97 -12.05 26.54
C ARG B 267 4.97 -13.34 25.71
#